data_7N80
#
_entry.id   7N80
#
_cell.length_a   71.727
_cell.length_b   51.205
_cell.length_c   107.085
_cell.angle_alpha   90.000
_cell.angle_beta   94.590
_cell.angle_gamma   90.000
#
_symmetry.space_group_name_H-M   'P 1 21 1'
#
loop_
_entity.id
_entity.type
_entity.pdbx_description
1 polymer 'Phosphatidylinositol 5-phosphate 4-kinase type-2 beta'
2 water water
#
_entity_poly.entity_id   1
_entity_poly.type   'polypeptide(L)'
_entity_poly.pdbx_seq_one_letter_code
;GPNCAPGKVKLFRASEPILSVLMWGVNHTINELSNVPVPVMLMPDDFKAYSKIKVDNHLFNKENLPSRFKFKEYCPMVFR
NLRERFGIDDQDYQNSVTRSAPINSDSQGRCGTRFLTTYDRRFVIKTVSSEDVAEMHNILKKYHQFIVECHGNTLLPQFL
GMYRLTVDGVETYMVVTRNVFSHRLTVHRKYDLKGSTVAREASDKEKAKDLPTFKDNDFLNEGQKLHVGEESKKNFLEKL
KRDVEFLAQLKIMDYSLLVGIHDVDRAEQEEMEVEERAEDEECENDGVGGNLLCSYGTPPDSPGNLLSFPRFFGPGEFDP
SVDVYAMKSHESSPKKEVYFMAIIDILTPYDTKKKAAHAAKTVKHGAGAEISTVNPEQYSKRFNEFMSNILT
;
_entity_poly.pdbx_strand_id   A,B
#
# COMPACT_ATOMS: atom_id res chain seq x y z
N LYS A 8 -3.09 -9.68 10.87
CA LYS A 8 -2.62 -9.69 9.46
C LYS A 8 -1.46 -8.72 9.25
N VAL A 9 -0.39 -8.92 10.03
CA VAL A 9 0.89 -8.24 9.79
C VAL A 9 1.65 -9.10 8.80
N LYS A 10 1.75 -8.60 7.58
CA LYS A 10 2.40 -9.34 6.48
C LYS A 10 3.92 -9.14 6.52
N LEU A 11 4.62 -10.12 7.08
CA LEU A 11 6.05 -10.20 6.84
C LEU A 11 6.18 -10.97 5.52
N PHE A 12 6.83 -10.36 4.55
CA PHE A 12 7.12 -11.04 3.28
C PHE A 12 8.40 -11.85 3.45
N ARG A 13 8.30 -12.91 4.25
CA ARG A 13 9.44 -13.75 4.64
C ARG A 13 9.61 -14.92 3.68
N ALA A 14 10.83 -15.04 3.14
CA ALA A 14 11.17 -16.16 2.25
C ALA A 14 12.62 -16.61 2.39
N SER A 15 12.92 -17.76 1.78
CA SER A 15 14.27 -18.35 1.77
C SER A 15 15.24 -17.52 0.92
N GLU A 16 14.73 -16.98 -0.20
CA GLU A 16 15.51 -16.08 -1.05
C GLU A 16 14.93 -14.67 -0.99
N PRO A 17 15.80 -13.63 -0.86
CA PRO A 17 15.41 -12.23 -1.10
C PRO A 17 14.42 -12.04 -2.28
N ILE A 18 14.80 -12.51 -3.46
CA ILE A 18 13.98 -12.43 -4.67
C ILE A 18 12.47 -12.80 -4.47
N LEU A 19 12.17 -13.70 -3.55
CA LEU A 19 10.80 -14.11 -3.32
C LEU A 19 10.04 -13.12 -2.45
N SER A 20 10.68 -12.61 -1.39
CA SER A 20 10.13 -11.52 -0.61
C SER A 20 9.81 -10.31 -1.51
N VAL A 21 10.76 -9.90 -2.32
CA VAL A 21 10.51 -8.84 -3.30
C VAL A 21 9.23 -9.16 -4.16
N LEU A 22 9.09 -10.39 -4.66
CA LEU A 22 7.88 -10.82 -5.39
C LEU A 22 6.61 -10.67 -4.55
N MET A 23 6.61 -11.29 -3.37
CA MET A 23 5.53 -11.11 -2.39
C MET A 23 5.20 -9.67 -2.04
N TRP A 24 6.19 -8.77 -2.09
CA TRP A 24 5.95 -7.38 -1.72
C TRP A 24 5.37 -6.66 -2.91
N GLY A 25 5.82 -7.02 -4.10
CA GLY A 25 5.35 -6.35 -5.29
C GLY A 25 3.90 -6.69 -5.60
N VAL A 26 3.54 -7.94 -5.39
CA VAL A 26 2.17 -8.37 -5.69
C VAL A 26 1.22 -7.75 -4.69
N ASN A 27 1.65 -7.73 -3.44
CA ASN A 27 0.93 -6.97 -2.43
C ASN A 27 0.82 -5.49 -2.79
N HIS A 28 1.90 -4.88 -3.28
CA HIS A 28 1.89 -3.45 -3.65
C HIS A 28 0.97 -3.16 -4.83
N THR A 29 1.20 -3.85 -5.95
CA THR A 29 0.42 -3.64 -7.17
C THR A 29 -1.07 -3.96 -7.09
N ILE A 30 -1.46 -5.00 -6.34
CA ILE A 30 -2.88 -5.33 -6.13
C ILE A 30 -3.61 -4.26 -5.27
N ASN A 31 -2.93 -3.76 -4.22
CA ASN A 31 -3.43 -2.65 -3.41
C ASN A 31 -3.52 -1.40 -4.26
N GLU A 32 -2.47 -1.11 -5.00
CA GLU A 32 -2.50 0.02 -5.94
C GLU A 32 -3.72 -0.01 -6.84
N LEU A 33 -4.01 -1.19 -7.40
CA LEU A 33 -5.13 -1.41 -8.30
C LEU A 33 -6.50 -1.34 -7.66
N SER A 34 -6.57 -1.60 -6.36
CA SER A 34 -7.82 -1.49 -5.62
C SER A 34 -8.29 -0.03 -5.45
N ASN A 35 -7.55 0.89 -6.08
CA ASN A 35 -7.76 2.32 -5.98
C ASN A 35 -7.87 2.93 -7.36
N VAL A 36 -7.54 2.15 -8.39
CA VAL A 36 -7.87 2.56 -9.75
C VAL A 36 -9.21 1.90 -10.10
N PRO A 37 -10.17 2.69 -10.62
CA PRO A 37 -11.47 2.09 -10.93
C PRO A 37 -11.39 1.05 -12.03
N VAL A 38 -12.29 0.07 -11.98
CA VAL A 38 -12.40 -0.98 -13.00
C VAL A 38 -13.09 -0.35 -14.20
N PRO A 39 -12.37 -0.19 -15.32
CA PRO A 39 -13.02 0.46 -16.45
C PRO A 39 -14.07 -0.46 -17.13
N VAL A 40 -14.99 0.14 -17.89
CA VAL A 40 -15.99 -0.62 -18.64
C VAL A 40 -15.27 -1.44 -19.72
N MET A 41 -14.33 -0.77 -20.43
CA MET A 41 -13.47 -1.40 -21.43
C MET A 41 -11.97 -1.10 -21.20
N LEU A 42 -11.09 -1.95 -21.74
CA LEU A 42 -9.65 -1.66 -21.79
C LEU A 42 -9.30 -0.92 -23.07
N MET A 43 -8.48 0.12 -22.94
CA MET A 43 -8.01 0.90 -24.08
C MET A 43 -6.76 0.26 -24.69
N PRO A 44 -6.34 0.69 -25.90
CA PRO A 44 -5.04 0.22 -26.40
C PRO A 44 -3.85 0.60 -25.53
N ASP A 45 -3.90 1.77 -24.89
CA ASP A 45 -2.81 2.27 -24.06
C ASP A 45 -2.43 1.27 -22.99
N ASP A 46 -3.44 0.53 -22.51
CA ASP A 46 -3.31 -0.45 -21.42
C ASP A 46 -2.39 -1.65 -21.78
N PHE A 47 -2.27 -1.93 -23.07
CA PHE A 47 -1.40 -2.99 -23.57
C PHE A 47 0.07 -2.54 -23.76
N LYS A 48 0.32 -1.24 -23.75
CA LYS A 48 1.70 -0.75 -23.83
C LYS A 48 2.19 -0.39 -22.42
N ALA A 49 1.25 -0.41 -21.48
CA ALA A 49 1.41 0.25 -20.20
C ALA A 49 2.26 -0.53 -19.26
N TYR A 50 2.74 0.13 -18.20
CA TYR A 50 3.34 -0.55 -17.06
C TYR A 50 3.47 0.37 -15.86
N SER A 51 3.73 -0.21 -14.69
CA SER A 51 4.18 0.53 -13.51
C SER A 51 5.53 0.04 -12.96
N LYS A 52 6.44 0.98 -12.77
CA LYS A 52 7.77 0.70 -12.25
C LYS A 52 7.87 1.31 -10.85
N ILE A 53 8.46 0.60 -9.92
CA ILE A 53 8.62 1.12 -8.58
C ILE A 53 9.99 0.76 -8.02
N LYS A 54 10.79 1.78 -7.68
CA LYS A 54 12.12 1.61 -7.09
C LYS A 54 12.02 1.86 -5.58
N VAL A 55 12.41 0.88 -4.76
CA VAL A 55 12.51 1.10 -3.30
C VAL A 55 13.97 1.16 -2.83
N ASP A 56 14.23 2.07 -1.89
CA ASP A 56 15.55 2.31 -1.31
C ASP A 56 15.35 2.68 0.16
N ASN A 57 14.86 1.74 0.94
CA ASN A 57 14.87 1.89 2.39
C ASN A 57 16.28 1.94 2.99
N HIS A 58 16.36 2.59 4.15
CA HIS A 58 17.61 2.78 4.89
C HIS A 58 17.30 2.61 6.36
N LEU A 59 17.92 1.59 6.95
CA LEU A 59 17.72 1.23 8.36
C LEU A 59 16.25 0.98 8.80
N PHE A 60 15.38 0.71 7.84
CA PHE A 60 13.96 0.53 8.10
C PHE A 60 13.44 -0.75 7.41
N ASN A 61 12.77 -1.60 8.19
CA ASN A 61 11.97 -2.72 7.63
C ASN A 61 12.82 -3.66 6.80
N LYS A 62 14.00 -3.97 7.33
CA LYS A 62 15.01 -4.78 6.62
C LYS A 62 15.25 -6.16 7.26
N GLU A 63 14.29 -6.63 8.03
CA GLU A 63 14.40 -7.94 8.65
C GLU A 63 14.06 -9.09 7.67
N ASN A 64 13.40 -8.80 6.55
CA ASN A 64 13.04 -9.83 5.53
C ASN A 64 13.28 -9.34 4.11
N LEU A 65 12.86 -8.11 3.79
CA LEU A 65 13.14 -7.52 2.48
C LEU A 65 14.57 -7.02 2.40
N PRO A 66 15.12 -6.93 1.17
CA PRO A 66 16.36 -6.17 1.08
C PRO A 66 16.05 -4.68 1.23
N SER A 67 17.08 -3.87 1.37
CA SER A 67 16.93 -2.44 1.56
C SER A 67 16.68 -1.72 0.24
N ARG A 68 17.13 -2.32 -0.87
CA ARG A 68 16.92 -1.72 -2.19
C ARG A 68 16.49 -2.75 -3.21
N PHE A 69 15.42 -2.43 -3.92
CA PHE A 69 14.91 -3.26 -5.02
C PHE A 69 14.05 -2.47 -6.01
N LYS A 70 13.93 -2.99 -7.22
CA LYS A 70 12.92 -2.47 -8.10
C LYS A 70 11.85 -3.54 -8.30
N PHE A 71 10.67 -3.10 -8.71
CA PHE A 71 9.57 -3.98 -9.07
C PHE A 71 8.85 -3.38 -10.24
N LYS A 72 8.64 -4.16 -11.30
CA LYS A 72 7.97 -3.69 -12.50
C LYS A 72 6.76 -4.57 -12.84
N GLU A 73 5.60 -3.95 -13.01
CA GLU A 73 4.43 -4.70 -13.43
C GLU A 73 4.07 -4.31 -14.86
N TYR A 74 4.11 -5.29 -15.75
CA TYR A 74 3.72 -5.13 -17.13
C TYR A 74 2.20 -5.13 -17.25
N CYS A 75 1.67 -4.17 -18.03
CA CYS A 75 0.24 -4.07 -18.44
C CYS A 75 -0.71 -4.38 -17.30
N PRO A 76 -0.72 -3.54 -16.24
CA PRO A 76 -1.47 -3.93 -15.06
C PRO A 76 -2.95 -4.00 -15.33
N MET A 77 -3.49 -3.09 -16.14
CA MET A 77 -4.96 -3.09 -16.37
C MET A 77 -5.44 -4.36 -17.05
N VAL A 78 -4.66 -4.85 -18.04
CA VAL A 78 -4.96 -6.07 -18.80
C VAL A 78 -4.93 -7.37 -17.97
N PHE A 79 -3.96 -7.51 -17.09
CA PHE A 79 -3.90 -8.70 -16.27
C PHE A 79 -4.93 -8.69 -15.12
N ARG A 80 -5.44 -7.50 -14.79
CA ARG A 80 -6.54 -7.38 -13.83
C ARG A 80 -7.77 -7.95 -14.50
N ASN A 81 -8.00 -7.54 -15.75
CA ASN A 81 -9.12 -8.07 -16.49
C ASN A 81 -9.05 -9.59 -16.65
N LEU A 82 -7.94 -10.09 -17.21
CA LEU A 82 -7.71 -11.53 -17.35
C LEU A 82 -7.94 -12.28 -16.07
N ARG A 83 -7.48 -11.74 -14.94
CA ARG A 83 -7.82 -12.34 -13.65
C ARG A 83 -9.33 -12.49 -13.43
N GLU A 84 -10.09 -11.45 -13.78
CA GLU A 84 -11.56 -11.49 -13.62
C GLU A 84 -12.18 -12.54 -14.55
N ARG A 85 -11.74 -12.55 -15.80
CA ARG A 85 -12.27 -13.49 -16.77
C ARG A 85 -11.98 -14.96 -16.42
N PHE A 86 -10.89 -15.18 -15.69
CA PHE A 86 -10.53 -16.50 -15.21
C PHE A 86 -11.17 -16.80 -13.87
N GLY A 87 -11.99 -15.86 -13.40
CA GLY A 87 -12.72 -16.02 -12.16
C GLY A 87 -11.80 -15.96 -10.96
N ILE A 88 -10.76 -15.12 -11.06
CA ILE A 88 -9.76 -15.00 -9.98
C ILE A 88 -9.93 -13.66 -9.30
N ASP A 89 -10.37 -13.71 -8.06
CA ASP A 89 -10.57 -12.50 -7.36
C ASP A 89 -9.20 -11.96 -6.93
N ASP A 90 -8.91 -10.72 -7.31
CA ASP A 90 -7.67 -9.99 -6.96
C ASP A 90 -7.18 -10.14 -5.54
N GLN A 91 -8.09 -10.06 -4.56
CA GLN A 91 -7.71 -10.21 -3.17
C GLN A 91 -7.21 -11.62 -2.94
N ASP A 92 -7.82 -12.59 -3.64
CA ASP A 92 -7.42 -14.02 -3.54
C ASP A 92 -6.02 -14.28 -4.11
N TYR A 93 -5.77 -13.74 -5.29
CA TYR A 93 -4.45 -13.70 -5.87
C TYR A 93 -3.43 -13.11 -4.90
N GLN A 94 -3.72 -11.92 -4.41
CA GLN A 94 -2.86 -11.21 -3.47
C GLN A 94 -2.49 -12.10 -2.28
N ASN A 95 -3.48 -12.75 -1.67
CA ASN A 95 -3.26 -13.60 -0.49
C ASN A 95 -2.49 -14.87 -0.81
N SER A 96 -2.74 -15.45 -1.99
CA SER A 96 -2.05 -16.63 -2.46
C SER A 96 -0.55 -16.36 -2.52
N VAL A 97 -0.17 -15.22 -3.11
CA VAL A 97 1.26 -14.84 -3.24
C VAL A 97 1.85 -14.29 -1.94
N THR A 98 1.03 -13.71 -1.06
CA THR A 98 1.58 -13.03 0.12
C THR A 98 1.43 -13.73 1.48
N ARG A 99 0.40 -14.55 1.68
CA ARG A 99 0.20 -15.17 3.00
C ARG A 99 1.42 -15.97 3.51
N SER A 100 2.05 -16.72 2.60
CA SER A 100 3.26 -17.48 2.88
C SER A 100 4.13 -17.47 1.62
N ALA A 101 5.42 -17.79 1.76
CA ALA A 101 6.36 -17.68 0.64
C ALA A 101 6.11 -18.77 -0.39
N PRO A 102 6.24 -18.42 -1.68
CA PRO A 102 6.18 -19.41 -2.73
C PRO A 102 7.26 -20.45 -2.55
N ILE A 103 6.89 -21.70 -2.77
CA ILE A 103 7.73 -22.89 -2.57
C ILE A 103 7.99 -23.50 -3.94
N ASN A 104 9.21 -24.01 -4.16
CA ASN A 104 9.58 -24.62 -5.46
C ASN A 104 8.69 -25.78 -5.94
N SER A 105 8.60 -25.90 -7.25
CA SER A 105 7.75 -26.90 -7.88
C SER A 105 8.49 -27.62 -9.03
N ASP A 106 7.97 -28.81 -9.35
CA ASP A 106 8.43 -29.56 -10.51
C ASP A 106 8.07 -28.78 -11.77
N SER A 107 8.84 -28.98 -12.82
CA SER A 107 8.63 -28.29 -14.07
C SER A 107 7.26 -28.61 -14.68
N GLN A 108 6.68 -27.63 -15.37
CA GLN A 108 5.44 -27.85 -16.16
C GLN A 108 5.67 -27.15 -17.46
N GLY A 109 6.85 -27.35 -18.04
CA GLY A 109 7.16 -26.80 -19.34
C GLY A 109 8.61 -26.58 -19.59
N ARG A 110 8.95 -26.49 -20.86
CA ARG A 110 10.32 -26.33 -21.29
C ARG A 110 10.66 -24.86 -21.23
N CYS A 111 9.62 -24.02 -21.22
CA CYS A 111 9.71 -22.54 -21.30
C CYS A 111 10.51 -21.87 -20.19
N GLY A 112 10.17 -22.18 -18.94
CA GLY A 112 10.76 -21.51 -17.79
C GLY A 112 12.04 -22.08 -17.24
N THR A 113 12.92 -21.19 -16.78
CA THR A 113 14.22 -21.56 -16.20
C THR A 113 14.12 -22.06 -14.74
N ARG A 114 13.01 -21.71 -14.07
CA ARG A 114 12.75 -22.03 -12.67
C ARG A 114 11.23 -22.03 -12.52
N PHE A 115 10.68 -23.07 -11.92
CA PHE A 115 9.23 -23.11 -11.64
C PHE A 115 8.96 -23.07 -10.17
N LEU A 116 8.03 -22.21 -9.81
CA LEU A 116 7.56 -22.10 -8.43
C LEU A 116 6.05 -22.21 -8.33
N THR A 117 5.59 -22.54 -7.14
CA THR A 117 4.18 -22.54 -6.82
C THR A 117 3.97 -21.62 -5.62
N THR A 118 2.79 -20.98 -5.56
CA THR A 118 2.35 -20.29 -4.35
C THR A 118 2.10 -21.31 -3.24
N TYR A 119 2.45 -21.01 -1.98
CA TYR A 119 2.21 -21.92 -0.84
C TYR A 119 0.96 -22.81 -0.91
N ASP A 120 -0.17 -22.28 -1.42
CA ASP A 120 -1.43 -23.01 -1.54
C ASP A 120 -1.65 -23.68 -2.92
N ARG A 121 -0.54 -23.86 -3.63
CA ARG A 121 -0.46 -24.62 -4.89
C ARG A 121 -1.44 -24.19 -6.01
N ARG A 122 -2.00 -22.98 -5.88
CA ARG A 122 -2.97 -22.43 -6.82
C ARG A 122 -2.38 -21.88 -8.08
N PHE A 123 -1.37 -21.03 -7.90
CA PHE A 123 -0.67 -20.37 -9.02
C PHE A 123 0.79 -20.78 -9.15
N VAL A 124 1.17 -20.94 -10.41
CA VAL A 124 2.52 -21.25 -10.85
C VAL A 124 3.22 -19.96 -11.22
N ILE A 125 4.47 -19.85 -10.78
CA ILE A 125 5.31 -18.68 -11.09
C ILE A 125 6.53 -19.17 -11.85
N LYS A 126 6.76 -18.55 -12.99
CA LYS A 126 7.76 -18.98 -13.91
C LYS A 126 8.72 -17.83 -14.11
N THR A 127 10.00 -18.14 -13.96
CA THR A 127 11.07 -17.26 -14.36
C THR A 127 11.23 -17.40 -15.86
N VAL A 128 11.35 -16.29 -16.56
CA VAL A 128 11.41 -16.32 -18.02
C VAL A 128 12.49 -15.36 -18.53
N SER A 129 12.75 -15.41 -19.84
CA SER A 129 13.71 -14.50 -20.47
C SER A 129 13.03 -13.15 -20.83
N SER A 130 13.85 -12.14 -21.14
CA SER A 130 13.33 -10.86 -21.63
C SER A 130 12.54 -11.02 -22.95
N GLU A 131 13.04 -11.88 -23.85
CA GLU A 131 12.38 -12.16 -25.13
C GLU A 131 11.05 -12.92 -24.95
N ASP A 132 10.94 -13.67 -23.85
CA ASP A 132 9.67 -14.22 -23.42
C ASP A 132 8.69 -13.06 -23.05
N VAL A 133 9.20 -12.06 -22.32
CA VAL A 133 8.41 -10.86 -21.94
C VAL A 133 7.87 -10.12 -23.15
N ALA A 134 8.78 -9.84 -24.08
CA ALA A 134 8.49 -9.23 -25.36
C ALA A 134 7.51 -10.03 -26.23
N GLU A 135 7.60 -11.36 -26.22
CA GLU A 135 6.66 -12.14 -27.04
C GLU A 135 5.24 -12.11 -26.44
N MET A 136 5.19 -12.06 -25.12
CA MET A 136 3.93 -11.87 -24.42
C MET A 136 3.29 -10.57 -24.81
N HIS A 137 4.07 -9.49 -24.84
CA HIS A 137 3.56 -8.18 -25.28
C HIS A 137 3.02 -8.21 -26.71
N ASN A 138 3.65 -9.03 -27.56
CA ASN A 138 3.25 -9.20 -28.96
C ASN A 138 1.90 -9.89 -29.09
N ILE A 139 1.67 -10.92 -28.28
CA ILE A 139 0.43 -11.73 -28.35
C ILE A 139 -0.73 -11.27 -27.45
N LEU A 140 -0.50 -10.24 -26.61
CA LEU A 140 -1.41 -9.93 -25.50
C LEU A 140 -2.80 -9.43 -25.85
N LYS A 141 -2.91 -8.54 -26.83
CA LYS A 141 -4.20 -8.01 -27.23
C LYS A 141 -5.10 -9.11 -27.87
N LYS A 142 -4.54 -9.94 -28.75
CA LYS A 142 -5.30 -11.01 -29.45
C LYS A 142 -5.70 -12.13 -28.49
N TYR A 143 -4.82 -12.34 -27.51
CA TYR A 143 -4.97 -13.32 -26.48
C TYR A 143 -6.08 -12.87 -25.59
N HIS A 144 -6.06 -11.59 -25.21
CA HIS A 144 -7.11 -11.01 -24.38
C HIS A 144 -8.46 -11.09 -25.09
N GLN A 145 -8.47 -10.68 -26.36
CA GLN A 145 -9.61 -10.88 -27.26
C GLN A 145 -10.05 -12.35 -27.22
N PHE A 146 -9.11 -13.28 -27.40
CA PHE A 146 -9.43 -14.70 -27.42
C PHE A 146 -10.04 -15.20 -26.12
N ILE A 147 -9.48 -14.74 -25.00
CA ILE A 147 -9.96 -15.12 -23.66
C ILE A 147 -11.37 -14.57 -23.44
N VAL A 148 -11.66 -13.39 -24.00
CA VAL A 148 -13.01 -12.83 -23.94
C VAL A 148 -13.93 -13.77 -24.71
N GLU A 149 -13.66 -13.95 -26.02
CA GLU A 149 -14.52 -14.76 -26.89
C GLU A 149 -14.82 -16.15 -26.34
N CYS A 150 -13.87 -16.72 -25.59
CA CYS A 150 -13.97 -18.09 -25.11
C CYS A 150 -14.39 -18.19 -23.64
N HIS A 151 -14.65 -17.06 -23.00
CA HIS A 151 -15.17 -16.98 -21.61
C HIS A 151 -14.25 -17.52 -20.50
N GLY A 152 -12.94 -17.51 -20.76
CA GLY A 152 -11.92 -18.12 -19.87
C GLY A 152 -11.71 -19.62 -19.98
N ASN A 153 -12.42 -20.27 -20.92
CA ASN A 153 -12.42 -21.73 -21.04
C ASN A 153 -11.42 -22.15 -22.10
N THR A 154 -10.15 -22.23 -21.70
CA THR A 154 -9.08 -22.72 -22.56
C THR A 154 -8.27 -23.83 -21.97
N LEU A 155 -7.51 -24.42 -22.87
CA LEU A 155 -6.41 -25.27 -22.49
C LEU A 155 -5.10 -24.49 -22.53
N LEU A 156 -5.14 -23.28 -23.10
CA LEU A 156 -3.99 -22.37 -23.17
C LEU A 156 -3.51 -21.94 -21.75
N PRO A 157 -2.22 -21.58 -21.61
CA PRO A 157 -1.89 -21.09 -20.29
C PRO A 157 -2.73 -19.85 -20.00
N GLN A 158 -3.27 -19.80 -18.80
CA GLN A 158 -4.10 -18.69 -18.38
C GLN A 158 -3.23 -17.72 -17.58
N PHE A 159 -2.84 -16.62 -18.21
CA PHE A 159 -1.87 -15.67 -17.65
C PHE A 159 -2.51 -14.71 -16.62
N LEU A 160 -1.86 -14.56 -15.48
CA LEU A 160 -2.44 -13.78 -14.40
C LEU A 160 -1.62 -12.56 -14.11
N GLY A 161 -0.31 -12.73 -14.01
CA GLY A 161 0.58 -11.60 -13.88
C GLY A 161 1.84 -11.75 -14.68
N MET A 162 2.59 -10.67 -14.82
CA MET A 162 3.90 -10.64 -15.45
C MET A 162 4.74 -9.53 -14.84
N TYR A 163 5.91 -9.87 -14.33
CA TYR A 163 6.70 -8.94 -13.52
C TYR A 163 8.18 -8.91 -13.88
N ARG A 164 8.84 -7.83 -13.47
CA ARG A 164 10.29 -7.76 -13.47
C ARG A 164 10.78 -7.24 -12.15
N LEU A 165 11.60 -8.06 -11.50
CA LEU A 165 12.21 -7.77 -10.21
C LEU A 165 13.70 -7.53 -10.33
N THR A 166 14.20 -6.46 -9.74
CA THR A 166 15.64 -6.32 -9.63
C THR A 166 16.02 -6.37 -8.16
N VAL A 167 16.95 -7.27 -7.84
CA VAL A 167 17.58 -7.36 -6.53
C VAL A 167 19.08 -7.48 -6.80
N ASP A 168 19.88 -6.64 -6.14
CA ASP A 168 21.34 -6.64 -6.34
C ASP A 168 21.72 -6.53 -7.83
N GLY A 169 21.09 -5.58 -8.52
CA GLY A 169 21.41 -5.26 -9.93
C GLY A 169 21.17 -6.41 -10.89
N VAL A 170 20.57 -7.49 -10.39
CA VAL A 170 20.18 -8.67 -11.15
C VAL A 170 18.67 -8.57 -11.49
N GLU A 171 18.34 -8.49 -12.78
CA GLU A 171 16.93 -8.47 -13.23
C GLU A 171 16.40 -9.88 -13.51
N THR A 172 15.17 -10.14 -13.06
CA THR A 172 14.53 -11.45 -13.21
C THR A 172 13.09 -11.22 -13.64
N TYR A 173 12.69 -11.85 -14.75
CA TYR A 173 11.32 -11.74 -15.26
C TYR A 173 10.52 -12.93 -14.82
N MET A 174 9.26 -12.66 -14.45
CA MET A 174 8.35 -13.69 -13.95
C MET A 174 6.97 -13.58 -14.56
N VAL A 175 6.37 -14.73 -14.84
CA VAL A 175 5.00 -14.83 -15.34
C VAL A 175 4.20 -15.67 -14.37
N VAL A 176 3.03 -15.19 -13.99
CA VAL A 176 2.16 -15.96 -13.13
C VAL A 176 0.99 -16.54 -13.94
N THR A 177 0.73 -17.83 -13.75
CA THR A 177 -0.35 -18.55 -14.40
C THR A 177 -1.11 -19.35 -13.37
N ARG A 178 -2.33 -19.78 -13.71
CA ARG A 178 -3.02 -20.77 -12.90
C ARG A 178 -2.36 -22.12 -13.17
N ASN A 179 -2.28 -22.92 -12.10
CA ASN A 179 -1.60 -24.19 -12.07
C ASN A 179 -2.38 -25.12 -12.95
N VAL A 180 -1.67 -25.74 -13.89
CA VAL A 180 -2.25 -26.72 -14.80
C VAL A 180 -2.71 -27.93 -14.02
N PHE A 181 -2.01 -28.22 -12.93
CA PHE A 181 -2.30 -29.35 -12.05
C PHE A 181 -3.20 -28.91 -10.93
N SER A 182 -3.52 -29.84 -10.03
CA SER A 182 -4.39 -29.54 -8.93
C SER A 182 -3.68 -28.70 -7.88
N HIS A 183 -4.46 -28.04 -7.04
CA HIS A 183 -3.88 -27.37 -5.88
C HIS A 183 -3.80 -28.33 -4.68
N ARG A 184 -4.38 -29.52 -4.83
CA ARG A 184 -4.34 -30.53 -3.74
C ARG A 184 -4.16 -32.00 -4.11
N LEU A 185 -4.58 -32.45 -5.30
CA LEU A 185 -4.27 -33.81 -5.74
C LEU A 185 -2.88 -33.81 -6.33
N THR A 186 -2.05 -34.76 -5.93
CA THR A 186 -0.71 -34.87 -6.55
C THR A 186 -0.81 -35.45 -7.96
N VAL A 187 -0.09 -34.80 -8.88
CA VAL A 187 0.20 -35.38 -10.16
C VAL A 187 1.36 -36.33 -9.97
N HIS A 188 1.08 -37.58 -10.28
CA HIS A 188 2.01 -38.69 -10.13
C HIS A 188 2.87 -38.92 -11.39
N ARG A 189 2.33 -38.61 -12.57
CA ARG A 189 3.03 -38.84 -13.85
C ARG A 189 2.70 -37.70 -14.81
N LYS A 190 3.71 -37.12 -15.43
CA LYS A 190 3.50 -36.08 -16.40
C LYS A 190 3.99 -36.65 -17.73
N TYR A 191 3.24 -36.37 -18.80
CA TYR A 191 3.62 -36.71 -20.17
C TYR A 191 3.66 -35.44 -21.00
N ASP A 192 4.58 -35.37 -21.95
CA ASP A 192 4.70 -34.20 -22.81
C ASP A 192 4.60 -34.62 -24.26
N LEU A 193 3.61 -34.05 -24.95
CA LEU A 193 3.22 -34.52 -26.25
C LEU A 193 3.30 -33.41 -27.30
N LYS A 194 4.47 -33.30 -27.93
CA LYS A 194 4.66 -32.50 -29.15
C LYS A 194 4.54 -33.45 -30.35
N LEU A 226 -6.29 -42.92 -22.55
CA LEU A 226 -6.89 -42.14 -21.46
C LEU A 226 -8.42 -42.07 -21.65
N HIS A 227 -9.18 -42.62 -20.71
CA HIS A 227 -10.64 -42.73 -20.86
C HIS A 227 -11.50 -41.79 -20.01
N VAL A 228 -12.26 -40.90 -20.66
CA VAL A 228 -13.13 -39.94 -19.94
C VAL A 228 -14.64 -39.99 -20.28
N GLY A 229 -15.43 -39.23 -19.50
CA GLY A 229 -16.84 -38.93 -19.81
C GLY A 229 -17.07 -38.21 -21.14
N GLU A 230 -18.28 -38.31 -21.69
CA GLU A 230 -18.52 -37.90 -23.09
C GLU A 230 -18.68 -36.40 -23.29
N GLU A 231 -19.32 -35.76 -22.31
CA GLU A 231 -19.36 -34.29 -22.22
C GLU A 231 -17.98 -33.72 -21.89
N SER A 232 -17.14 -34.52 -21.21
CA SER A 232 -15.73 -34.19 -21.03
C SER A 232 -15.02 -34.21 -22.38
N LYS A 233 -14.93 -35.39 -23.02
CA LYS A 233 -14.35 -35.53 -24.36
C LYS A 233 -14.83 -34.47 -25.37
N LYS A 234 -16.15 -34.21 -25.38
CA LYS A 234 -16.79 -33.22 -26.25
C LYS A 234 -16.24 -31.81 -26.01
N ASN A 235 -16.29 -31.39 -24.74
CA ASN A 235 -15.80 -30.07 -24.32
C ASN A 235 -14.29 -29.94 -24.55
N PHE A 236 -13.54 -30.99 -24.19
CA PHE A 236 -12.11 -31.03 -24.43
C PHE A 236 -11.83 -30.69 -25.89
N LEU A 237 -12.34 -31.54 -26.79
CA LEU A 237 -12.09 -31.38 -28.23
C LEU A 237 -12.65 -30.09 -28.82
N GLU A 238 -13.71 -29.55 -28.21
CA GLU A 238 -14.26 -28.23 -28.56
C GLU A 238 -13.18 -27.17 -28.34
N LYS A 239 -12.74 -27.06 -27.08
CA LYS A 239 -11.63 -26.18 -26.65
C LYS A 239 -10.38 -26.36 -27.48
N LEU A 240 -9.91 -27.62 -27.58
CA LEU A 240 -8.66 -27.93 -28.29
C LEU A 240 -8.63 -27.43 -29.73
N LYS A 241 -9.78 -27.51 -30.41
CA LYS A 241 -9.85 -27.05 -31.79
C LYS A 241 -9.76 -25.54 -31.76
N ARG A 242 -10.58 -24.94 -30.89
CA ARG A 242 -10.70 -23.48 -30.73
C ARG A 242 -9.37 -22.83 -30.33
N ASP A 243 -8.59 -23.56 -29.51
CA ASP A 243 -7.29 -23.09 -29.00
C ASP A 243 -6.20 -23.18 -30.04
N VAL A 244 -6.16 -24.32 -30.70
CA VAL A 244 -5.12 -24.65 -31.65
C VAL A 244 -5.26 -23.73 -32.87
N GLU A 245 -6.51 -23.52 -33.28
CA GLU A 245 -6.87 -22.55 -34.30
C GLU A 245 -6.27 -21.16 -33.96
N PHE A 246 -6.57 -20.66 -32.77
CA PHE A 246 -6.00 -19.40 -32.28
C PHE A 246 -4.49 -19.32 -32.45
N LEU A 247 -3.78 -20.30 -31.88
CA LEU A 247 -2.32 -20.37 -31.95
C LEU A 247 -1.78 -20.27 -33.37
N ALA A 248 -2.33 -21.09 -34.28
CA ALA A 248 -1.97 -21.03 -35.71
C ALA A 248 -2.14 -19.64 -36.32
N GLN A 249 -3.23 -18.96 -35.97
CA GLN A 249 -3.52 -17.62 -36.47
C GLN A 249 -2.54 -16.56 -35.91
N LEU A 250 -1.98 -16.78 -34.72
CA LEU A 250 -0.88 -15.93 -34.20
C LEU A 250 0.48 -16.21 -34.82
N LYS A 251 0.52 -17.26 -35.66
CA LYS A 251 1.71 -17.83 -36.33
C LYS A 251 2.71 -18.53 -35.37
N ILE A 252 2.14 -19.33 -34.44
CA ILE A 252 2.89 -20.04 -33.40
C ILE A 252 2.91 -21.56 -33.61
N MET A 253 4.11 -22.15 -33.54
CA MET A 253 4.35 -23.61 -33.65
C MET A 253 5.15 -24.07 -32.45
N ASP A 254 5.30 -25.40 -32.35
CA ASP A 254 6.24 -26.07 -31.42
C ASP A 254 5.82 -25.92 -29.93
N TYR A 255 4.53 -25.67 -29.74
CA TYR A 255 3.88 -25.80 -28.45
C TYR A 255 3.52 -27.26 -28.29
N SER A 256 3.47 -27.71 -27.04
CA SER A 256 3.12 -29.11 -26.74
C SER A 256 1.88 -29.24 -25.86
N LEU A 257 1.44 -30.47 -25.64
CA LEU A 257 0.39 -30.75 -24.67
C LEU A 257 0.99 -31.38 -23.43
N LEU A 258 0.83 -30.72 -22.28
CA LEU A 258 1.15 -31.31 -20.99
C LEU A 258 -0.03 -32.13 -20.48
N VAL A 259 0.22 -33.43 -20.32
CA VAL A 259 -0.71 -34.34 -19.67
C VAL A 259 -0.13 -34.78 -18.33
N GLY A 260 -0.89 -34.54 -17.26
CA GLY A 260 -0.55 -35.00 -15.91
C GLY A 260 -1.60 -35.99 -15.48
N ILE A 261 -1.27 -36.91 -14.55
CA ILE A 261 -2.19 -37.99 -14.13
C ILE A 261 -2.13 -38.17 -12.63
N HIS A 262 -3.31 -38.19 -11.98
CA HIS A 262 -3.44 -38.43 -10.55
C HIS A 262 -4.01 -39.84 -10.38
N ASP A 263 -3.27 -40.67 -9.63
CA ASP A 263 -3.69 -42.05 -9.38
C ASP A 263 -4.33 -42.18 -8.00
N VAL A 264 -5.64 -42.41 -7.99
CA VAL A 264 -6.45 -42.37 -6.75
C VAL A 264 -6.08 -43.49 -5.79
N ASP A 265 -6.00 -44.71 -6.30
CA ASP A 265 -5.58 -45.88 -5.51
C ASP A 265 -4.21 -45.65 -4.85
N ARG A 266 -3.26 -45.10 -5.61
CA ARG A 266 -1.97 -44.71 -5.05
C ARG A 266 -2.09 -43.56 -4.04
N ALA A 267 -3.00 -42.62 -4.31
CA ALA A 267 -3.25 -41.48 -3.41
C ALA A 267 -3.80 -41.89 -2.04
N GLU A 268 -4.62 -42.97 -2.02
CA GLU A 268 -4.98 -43.65 -0.78
C GLU A 268 -3.73 -44.29 -0.14
N GLN A 269 -3.00 -45.10 -0.93
CA GLN A 269 -1.89 -45.93 -0.43
C GLN A 269 -0.66 -45.17 0.10
N GLU A 270 -0.34 -44.02 -0.52
CA GLU A 270 0.83 -43.21 -0.11
C GLU A 270 0.59 -42.32 1.12
N GLU A 271 -0.32 -42.78 1.99
CA GLU A 271 -0.81 -41.99 3.13
C GLU A 271 -0.88 -42.80 4.44
N MET A 272 -1.21 -44.10 4.33
CA MET A 272 -1.47 -45.00 5.47
C MET A 272 -0.40 -45.00 6.57
N GLU A 273 0.88 -45.05 6.16
CA GLU A 273 2.00 -45.07 7.10
C GLU A 273 2.76 -43.74 7.08
N PRO A 310 -10.44 -26.89 6.60
CA PRO A 310 -10.04 -28.05 5.78
C PRO A 310 -11.17 -28.60 4.87
N ARG A 311 -11.27 -28.07 3.63
CA ARG A 311 -12.24 -28.50 2.60
C ARG A 311 -12.27 -30.03 2.40
N PHE A 312 -13.47 -30.63 2.30
CA PHE A 312 -13.63 -32.10 2.31
C PHE A 312 -13.08 -32.87 1.11
N PHE A 313 -13.87 -33.11 0.08
CA PHE A 313 -13.45 -33.96 -1.09
C PHE A 313 -13.29 -35.45 -0.84
N GLY A 314 -13.84 -36.23 -1.75
CA GLY A 314 -13.78 -37.68 -1.64
C GLY A 314 -12.61 -38.22 -2.43
N PRO A 315 -12.69 -39.52 -2.85
CA PRO A 315 -11.62 -40.30 -3.51
C PRO A 315 -10.89 -39.55 -4.64
N GLY A 316 -11.53 -39.28 -5.77
CA GLY A 316 -10.83 -38.67 -6.90
C GLY A 316 -11.49 -37.38 -7.30
N GLU A 317 -11.81 -36.61 -6.27
CA GLU A 317 -12.72 -35.50 -6.38
C GLU A 317 -12.00 -34.14 -6.33
N PHE A 318 -12.57 -33.16 -7.02
CA PHE A 318 -11.98 -31.85 -7.18
C PHE A 318 -13.06 -30.78 -7.50
N ASP A 319 -12.77 -29.53 -7.14
CA ASP A 319 -13.59 -28.40 -7.51
C ASP A 319 -13.22 -27.92 -8.92
N PRO A 320 -14.11 -28.08 -9.92
CA PRO A 320 -13.71 -27.79 -11.31
C PRO A 320 -13.53 -26.30 -11.59
N SER A 321 -14.03 -25.44 -10.71
CA SER A 321 -13.84 -24.01 -10.89
C SER A 321 -12.42 -23.56 -10.46
N VAL A 322 -11.78 -24.33 -9.59
CA VAL A 322 -10.41 -24.15 -9.16
C VAL A 322 -9.45 -24.94 -10.06
N ASP A 323 -9.58 -26.27 -10.07
CA ASP A 323 -8.76 -27.16 -10.93
C ASP A 323 -9.35 -27.26 -12.36
N VAL A 324 -9.18 -26.22 -13.15
CA VAL A 324 -9.88 -26.05 -14.43
C VAL A 324 -9.36 -26.86 -15.62
N TYR A 325 -8.36 -27.69 -15.39
CA TYR A 325 -7.79 -28.53 -16.47
C TYR A 325 -8.02 -30.02 -16.17
N ALA A 326 -8.56 -30.30 -14.97
CA ALA A 326 -8.84 -31.67 -14.51
C ALA A 326 -10.06 -32.37 -15.15
N MET A 327 -9.86 -33.58 -15.62
CA MET A 327 -10.94 -34.49 -16.00
C MET A 327 -10.81 -35.77 -15.19
N LYS A 328 -11.91 -36.22 -14.60
CA LYS A 328 -12.01 -37.54 -14.00
C LYS A 328 -12.13 -38.59 -15.10
N SER A 329 -11.53 -39.76 -14.83
CA SER A 329 -11.63 -40.94 -15.67
C SER A 329 -13.04 -41.50 -15.67
N HIS A 330 -13.47 -41.97 -16.85
CA HIS A 330 -14.78 -42.61 -17.11
C HIS A 330 -15.18 -43.62 -16.04
N GLU A 331 -16.46 -43.64 -15.67
CA GLU A 331 -16.95 -44.42 -14.52
C GLU A 331 -16.82 -45.93 -14.74
N SER A 332 -17.34 -46.42 -15.88
CA SER A 332 -17.15 -47.82 -16.25
C SER A 332 -15.76 -47.98 -16.91
N SER A 333 -14.72 -47.79 -16.11
CA SER A 333 -13.33 -47.85 -16.59
C SER A 333 -12.35 -48.25 -15.47
N PRO A 334 -11.17 -48.82 -15.84
CA PRO A 334 -10.29 -49.62 -14.94
C PRO A 334 -9.98 -49.03 -13.56
N LYS A 335 -8.96 -48.17 -13.47
CA LYS A 335 -8.64 -47.44 -12.25
C LYS A 335 -9.30 -46.07 -12.29
N LYS A 336 -9.74 -45.61 -11.12
CA LYS A 336 -10.14 -44.23 -10.92
C LYS A 336 -8.88 -43.35 -10.99
N GLU A 337 -8.87 -42.47 -11.99
CA GLU A 337 -7.76 -41.55 -12.24
C GLU A 337 -8.31 -40.15 -12.49
N VAL A 338 -7.48 -39.12 -12.30
CA VAL A 338 -7.82 -37.74 -12.72
C VAL A 338 -6.71 -37.24 -13.64
N TYR A 339 -7.11 -36.69 -14.78
CA TYR A 339 -6.19 -36.17 -15.79
C TYR A 339 -6.18 -34.65 -15.90
N PHE A 340 -5.03 -34.10 -16.24
CA PHE A 340 -4.83 -32.67 -16.33
C PHE A 340 -4.19 -32.45 -17.66
N MET A 341 -4.88 -31.73 -18.52
CA MET A 341 -4.38 -31.51 -19.86
C MET A 341 -4.48 -30.06 -20.21
N ALA A 342 -3.39 -29.58 -20.78
CA ALA A 342 -3.23 -28.17 -21.07
C ALA A 342 -2.17 -28.02 -22.12
N ILE A 343 -2.36 -27.02 -22.98
CA ILE A 343 -1.30 -26.61 -23.90
C ILE A 343 -0.29 -25.75 -23.12
N ILE A 344 1.00 -26.05 -23.32
CA ILE A 344 2.11 -25.35 -22.70
C ILE A 344 3.13 -24.94 -23.78
N ASP A 345 3.98 -23.95 -23.44
CA ASP A 345 5.11 -23.47 -24.27
C ASP A 345 4.70 -22.62 -25.48
N ILE A 346 3.87 -21.59 -25.21
CA ILE A 346 3.42 -20.68 -26.28
C ILE A 346 4.20 -19.37 -26.48
N LEU A 347 5.19 -19.09 -25.61
CA LEU A 347 5.93 -17.81 -25.71
C LEU A 347 7.24 -17.92 -26.49
N THR A 348 8.10 -18.89 -26.15
CA THR A 348 9.39 -19.07 -26.85
C THR A 348 9.14 -19.73 -28.21
N PRO A 349 8.81 -21.05 -28.27
CA PRO A 349 8.58 -21.52 -29.63
C PRO A 349 7.12 -21.28 -30.06
N VAL A 374 7.22 -27.93 -41.80
CA VAL A 374 5.81 -27.68 -41.47
C VAL A 374 5.56 -26.18 -41.15
N ASN A 375 4.38 -25.67 -41.55
CA ASN A 375 3.89 -24.31 -41.20
C ASN A 375 2.89 -24.35 -40.02
N PRO A 376 2.68 -23.19 -39.30
CA PRO A 376 1.80 -23.18 -38.11
C PRO A 376 0.38 -23.74 -38.33
N GLU A 377 -0.26 -23.35 -39.44
CA GLU A 377 -1.54 -23.93 -39.83
C GLU A 377 -1.47 -25.47 -39.90
N GLN A 378 -0.47 -25.99 -40.63
CA GLN A 378 -0.15 -27.42 -40.65
C GLN A 378 0.08 -28.05 -39.28
N TYR A 379 0.87 -27.37 -38.44
CA TYR A 379 1.10 -27.80 -37.06
C TYR A 379 -0.22 -27.90 -36.27
N SER A 380 -1.08 -26.87 -36.40
CA SER A 380 -2.43 -26.83 -35.79
C SER A 380 -3.31 -28.04 -36.15
N LYS A 381 -3.52 -28.24 -37.46
CA LYS A 381 -4.33 -29.38 -37.98
C LYS A 381 -3.81 -30.74 -37.48
N ARG A 382 -2.48 -30.90 -37.49
CA ARG A 382 -1.81 -32.13 -37.02
C ARG A 382 -2.08 -32.34 -35.54
N PHE A 383 -1.97 -31.25 -34.77
CA PHE A 383 -2.17 -31.24 -33.31
C PHE A 383 -3.57 -31.71 -32.92
N ASN A 384 -4.59 -31.06 -33.46
CA ASN A 384 -5.97 -31.54 -33.38
C ASN A 384 -6.05 -33.05 -33.51
N GLU A 385 -5.66 -33.57 -34.70
CA GLU A 385 -5.77 -34.98 -35.11
C GLU A 385 -4.96 -35.95 -34.26
N PHE A 386 -3.78 -35.51 -33.82
CA PHE A 386 -2.95 -36.29 -32.89
C PHE A 386 -3.69 -36.64 -31.60
N MET A 387 -4.38 -35.66 -31.00
CA MET A 387 -5.03 -35.84 -29.69
C MET A 387 -6.50 -36.30 -29.77
N SER A 388 -7.08 -36.21 -30.96
CA SER A 388 -8.41 -36.77 -31.24
C SER A 388 -8.43 -38.29 -31.04
N ASN A 389 -7.44 -38.96 -31.60
CA ASN A 389 -7.25 -40.41 -31.47
C ASN A 389 -6.95 -40.85 -30.02
N ILE A 390 -6.18 -40.03 -29.30
CA ILE A 390 -5.64 -40.35 -27.95
C ILE A 390 -6.66 -40.46 -26.80
N LEU A 391 -7.82 -39.81 -26.97
CA LEU A 391 -8.82 -39.77 -25.91
C LEU A 391 -9.84 -40.91 -25.93
N THR A 392 -10.48 -41.11 -24.76
CA THR A 392 -11.50 -42.16 -24.44
C THR A 392 -11.27 -43.57 -24.96
N LYS B 8 -12.38 2.66 0.72
CA LYS B 8 -12.32 1.68 -0.42
C LYS B 8 -12.52 2.41 -1.77
N VAL B 9 -11.47 2.36 -2.60
CA VAL B 9 -11.22 3.17 -3.84
C VAL B 9 -10.79 4.64 -3.59
N LYS B 10 -9.54 4.82 -3.17
CA LYS B 10 -8.92 6.15 -2.98
C LYS B 10 -8.41 6.67 -4.32
N LEU B 11 -8.93 7.81 -4.73
CA LEU B 11 -8.64 8.30 -6.07
C LEU B 11 -7.51 9.30 -6.01
N PHE B 12 -7.35 9.91 -4.83
CA PHE B 12 -6.40 11.01 -4.55
C PHE B 12 -6.63 12.23 -5.43
N ARG B 13 -7.90 12.60 -5.64
CA ARG B 13 -8.22 13.84 -6.37
C ARG B 13 -7.83 15.07 -5.54
N ALA B 14 -6.77 15.76 -5.97
CA ALA B 14 -6.35 17.07 -5.43
C ALA B 14 -6.21 18.09 -6.57
N SER B 15 -6.23 19.38 -6.22
CA SER B 15 -6.06 20.47 -7.20
C SER B 15 -4.66 20.49 -7.81
N GLU B 16 -3.67 20.24 -6.95
CA GLU B 16 -2.28 20.28 -7.30
C GLU B 16 -1.63 18.87 -7.07
N PRO B 17 -0.65 18.48 -7.92
CA PRO B 17 -0.19 17.09 -7.90
C PRO B 17 0.60 16.76 -6.66
N ILE B 18 1.23 17.78 -6.09
CA ILE B 18 1.92 17.60 -4.84
C ILE B 18 0.96 17.08 -3.77
N LEU B 19 -0.25 17.61 -3.71
CA LEU B 19 -1.20 17.12 -2.72
C LEU B 19 -1.73 15.71 -2.99
N SER B 20 -1.91 15.33 -4.25
CA SER B 20 -2.16 13.92 -4.58
C SER B 20 -1.00 13.00 -4.18
N VAL B 21 0.23 13.50 -4.33
CA VAL B 21 1.42 12.74 -3.98
C VAL B 21 1.53 12.64 -2.48
N LEU B 22 1.09 13.69 -1.78
CA LEU B 22 1.12 13.62 -0.33
C LEU B 22 0.12 12.58 0.19
N MET B 23 -1.05 12.53 -0.44
CA MET B 23 -2.10 11.61 -0.04
C MET B 23 -1.74 10.17 -0.36
N TRP B 24 -1.24 9.92 -1.57
CA TRP B 24 -0.67 8.62 -1.89
C TRP B 24 0.40 8.22 -0.88
N GLY B 25 1.37 9.10 -0.66
CA GLY B 25 2.54 8.82 0.17
C GLY B 25 2.19 8.39 1.57
N VAL B 26 1.30 9.11 2.21
CA VAL B 26 0.89 8.78 3.57
C VAL B 26 0.14 7.45 3.60
N ASN B 27 -0.80 7.30 2.67
CA ASN B 27 -1.53 6.05 2.50
C ASN B 27 -0.56 4.88 2.34
N HIS B 28 0.40 5.02 1.44
CA HIS B 28 1.41 4.02 1.21
C HIS B 28 2.14 3.76 2.52
N THR B 29 2.80 4.77 3.08
CA THR B 29 3.72 4.55 4.22
C THR B 29 3.06 4.06 5.49
N ILE B 30 1.81 4.47 5.72
CA ILE B 30 1.05 3.91 6.82
C ILE B 30 0.70 2.43 6.55
N ASN B 31 0.26 2.11 5.32
CA ASN B 31 -0.02 0.72 4.93
C ASN B 31 1.21 -0.09 5.14
N GLU B 32 2.28 0.37 4.52
CA GLU B 32 3.55 -0.28 4.62
C GLU B 32 3.94 -0.50 6.08
N LEU B 33 3.60 0.44 6.95
CA LEU B 33 3.91 0.32 8.36
C LEU B 33 3.07 -0.70 9.14
N SER B 34 1.81 -0.91 8.74
CA SER B 34 0.99 -1.96 9.39
C SER B 34 1.61 -3.35 9.22
N ASN B 35 2.57 -3.47 8.30
CA ASN B 35 3.29 -4.72 8.07
C ASN B 35 4.65 -4.81 8.70
N VAL B 36 4.97 -3.83 9.55
CA VAL B 36 6.22 -3.85 10.33
C VAL B 36 5.84 -3.75 11.82
N PRO B 37 6.33 -4.71 12.66
CA PRO B 37 5.69 -4.85 13.99
C PRO B 37 6.04 -3.70 14.92
N VAL B 38 5.08 -3.37 15.78
CA VAL B 38 5.25 -2.38 16.82
C VAL B 38 6.34 -2.91 17.76
N PRO B 39 7.43 -2.13 17.93
CA PRO B 39 8.56 -2.69 18.64
C PRO B 39 8.53 -2.40 20.14
N VAL B 40 9.34 -3.17 20.88
CA VAL B 40 9.53 -3.00 22.34
C VAL B 40 10.07 -1.64 22.69
N MET B 41 11.07 -1.21 21.92
CA MET B 41 11.87 -0.06 22.23
C MET B 41 12.46 0.47 20.95
N LEU B 42 12.56 1.78 20.84
CA LEU B 42 13.17 2.37 19.69
C LEU B 42 14.65 2.35 19.88
N MET B 43 15.33 1.82 18.87
CA MET B 43 16.77 1.67 18.88
C MET B 43 17.34 2.88 18.18
N PRO B 44 18.58 3.30 18.53
CA PRO B 44 19.36 4.35 17.87
C PRO B 44 19.24 4.50 16.36
N ASP B 45 19.17 3.40 15.61
CA ASP B 45 19.06 3.45 14.14
C ASP B 45 17.74 4.00 13.63
N ASP B 46 16.68 3.75 14.39
CA ASP B 46 15.32 4.27 14.16
C ASP B 46 15.26 5.79 14.04
N PHE B 47 16.12 6.48 14.79
CA PHE B 47 16.34 7.95 14.70
C PHE B 47 17.19 8.42 13.52
N LYS B 48 17.66 7.48 12.68
CA LYS B 48 18.43 7.82 11.47
C LYS B 48 17.89 7.05 10.25
N ALA B 49 16.80 6.31 10.45
CA ALA B 49 16.20 5.51 9.37
C ALA B 49 15.34 6.33 8.42
N TYR B 50 15.21 5.86 7.18
CA TYR B 50 14.21 6.46 6.29
C TYR B 50 13.69 5.48 5.23
N SER B 51 12.59 5.86 4.58
CA SER B 51 11.96 5.07 3.52
C SER B 51 11.80 5.97 2.32
N LYS B 52 12.01 5.43 1.12
CA LYS B 52 12.19 6.19 -0.11
C LYS B 52 11.57 5.32 -1.17
N ILE B 53 10.77 5.93 -2.03
CA ILE B 53 10.02 5.18 -3.02
C ILE B 53 9.85 6.03 -4.25
N LYS B 54 10.21 5.49 -5.41
CA LYS B 54 10.13 6.16 -6.71
C LYS B 54 9.13 5.39 -7.55
N VAL B 55 8.18 6.14 -8.10
CA VAL B 55 7.14 5.57 -8.91
C VAL B 55 7.27 6.17 -10.28
N ASP B 56 7.26 5.32 -11.31
CA ASP B 56 7.30 5.72 -12.72
C ASP B 56 6.27 4.90 -13.49
N ASN B 57 5.04 5.39 -13.44
CA ASN B 57 3.94 4.78 -14.15
C ASN B 57 3.96 5.27 -15.56
N HIS B 58 3.66 4.39 -16.50
CA HIS B 58 3.62 4.70 -17.91
C HIS B 58 2.28 4.25 -18.42
N LEU B 59 1.52 5.21 -18.96
CA LEU B 59 0.18 5.02 -19.46
C LEU B 59 -0.72 4.24 -18.49
N PHE B 60 -0.50 4.47 -17.19
CA PHE B 60 -1.19 3.74 -16.13
C PHE B 60 -1.40 4.64 -14.93
N ASN B 61 -2.63 4.65 -14.41
CA ASN B 61 -3.02 5.40 -13.19
C ASN B 61 -2.62 6.89 -13.22
N LYS B 62 -2.72 7.51 -14.40
CA LYS B 62 -2.40 8.93 -14.60
C LYS B 62 -3.57 9.88 -14.30
N GLU B 63 -4.61 9.36 -13.62
CA GLU B 63 -5.87 10.09 -13.37
C GLU B 63 -5.78 11.30 -12.46
N ASN B 64 -5.09 11.14 -11.33
CA ASN B 64 -4.89 12.22 -10.41
C ASN B 64 -3.42 12.29 -10.05
N LEU B 65 -2.82 11.11 -9.90
CA LEU B 65 -1.38 10.98 -9.66
C LEU B 65 -0.61 11.42 -10.85
N PRO B 66 0.55 12.04 -10.65
CA PRO B 66 1.47 12.12 -11.79
C PRO B 66 2.04 10.74 -12.09
N SER B 67 2.72 10.63 -13.22
CA SER B 67 3.40 9.40 -13.61
C SER B 67 4.70 9.15 -12.86
N ARG B 68 5.53 10.18 -12.74
CA ARG B 68 6.83 10.06 -12.13
C ARG B 68 6.74 10.86 -10.86
N PHE B 69 6.95 10.22 -9.70
CA PHE B 69 7.08 10.95 -8.41
C PHE B 69 7.90 10.16 -7.37
N LYS B 70 8.52 10.84 -6.40
CA LYS B 70 9.31 10.17 -5.35
C LYS B 70 8.76 10.58 -3.97
N PHE B 71 8.88 9.71 -2.96
CA PHE B 71 8.31 9.98 -1.63
C PHE B 71 9.18 9.41 -0.51
N LYS B 72 9.75 10.29 0.29
CA LYS B 72 10.66 9.91 1.35
C LYS B 72 9.96 10.17 2.66
N GLU B 73 10.00 9.23 3.61
CA GLU B 73 9.49 9.47 4.97
C GLU B 73 10.60 9.26 6.01
N TYR B 74 10.89 10.30 6.79
CA TYR B 74 12.02 10.27 7.72
C TYR B 74 11.62 9.61 9.01
N CYS B 75 12.46 8.72 9.51
CA CYS B 75 12.26 8.06 10.81
C CYS B 75 10.86 7.45 10.99
N PRO B 76 10.39 6.62 10.02
CA PRO B 76 9.07 6.06 10.12
C PRO B 76 8.74 5.52 11.50
N MET B 77 9.72 4.88 12.12
CA MET B 77 9.47 4.18 13.36
C MET B 77 9.35 5.16 14.56
N VAL B 78 10.06 6.30 14.47
CA VAL B 78 9.97 7.34 15.50
C VAL B 78 8.60 8.03 15.40
N PHE B 79 8.21 8.41 14.19
CA PHE B 79 6.95 9.13 13.99
C PHE B 79 5.68 8.26 14.19
N ARG B 80 5.81 6.96 13.91
CA ARG B 80 4.75 5.99 14.19
C ARG B 80 4.51 5.86 15.68
N ASN B 81 5.59 5.81 16.46
CA ASN B 81 5.53 5.77 17.93
C ASN B 81 5.02 7.07 18.56
N LEU B 82 5.57 8.19 18.08
CA LEU B 82 5.13 9.52 18.42
C LEU B 82 3.61 9.67 18.33
N ARG B 83 3.03 9.24 17.20
CA ARG B 83 1.58 9.24 17.05
C ARG B 83 0.87 8.36 18.12
N GLU B 84 1.43 7.20 18.43
CA GLU B 84 0.80 6.39 19.48
C GLU B 84 0.84 7.21 20.76
N ARG B 85 2.03 7.71 21.12
CA ARG B 85 2.22 8.54 22.30
C ARG B 85 1.23 9.72 22.42
N PHE B 86 0.80 10.30 21.29
CA PHE B 86 -0.18 11.39 21.28
C PHE B 86 -1.62 10.94 21.06
N GLY B 87 -1.91 9.68 21.37
CA GLY B 87 -3.28 9.16 21.21
C GLY B 87 -3.86 9.20 19.79
N ILE B 88 -2.98 9.19 18.77
CA ILE B 88 -3.40 9.18 17.38
C ILE B 88 -3.16 7.82 16.71
N ASP B 89 -4.27 7.12 16.46
CA ASP B 89 -4.25 5.88 15.71
C ASP B 89 -3.85 6.14 14.27
N ASP B 90 -2.91 5.34 13.76
CA ASP B 90 -2.47 5.44 12.37
C ASP B 90 -3.58 5.43 11.33
N GLN B 91 -4.64 4.66 11.57
CA GLN B 91 -5.77 4.61 10.65
C GLN B 91 -6.55 5.95 10.60
N ASP B 92 -6.68 6.63 11.72
CA ASP B 92 -7.29 7.97 11.74
C ASP B 92 -6.43 8.96 10.98
N TYR B 93 -5.13 8.86 11.22
CA TYR B 93 -4.13 9.69 10.59
C TYR B 93 -4.17 9.50 9.09
N GLN B 94 -3.94 8.28 8.63
CA GLN B 94 -4.23 7.89 7.23
C GLN B 94 -5.55 8.39 6.67
N ASN B 95 -6.61 8.29 7.47
CA ASN B 95 -7.93 8.77 7.08
C ASN B 95 -8.04 10.28 6.88
N SER B 96 -7.63 11.07 7.88
CA SER B 96 -7.65 12.52 7.78
C SER B 96 -6.86 13.01 6.59
N VAL B 97 -5.70 12.42 6.32
CA VAL B 97 -4.90 12.81 5.16
C VAL B 97 -5.46 12.31 3.81
N THR B 98 -6.01 11.09 3.77
CA THR B 98 -6.40 10.48 2.46
C THR B 98 -7.88 10.52 2.03
N ARG B 99 -8.82 10.61 2.97
CA ARG B 99 -10.27 10.54 2.62
C ARG B 99 -10.70 11.66 1.67
N SER B 100 -9.97 12.78 1.69
CA SER B 100 -10.23 13.96 0.87
C SER B 100 -8.99 14.88 0.89
N ALA B 101 -8.79 15.70 -0.15
CA ALA B 101 -7.59 16.51 -0.24
C ALA B 101 -7.29 17.42 1.00
N PRO B 102 -6.01 17.62 1.36
CA PRO B 102 -5.71 18.74 2.26
C PRO B 102 -6.05 20.06 1.62
N ILE B 103 -6.33 21.04 2.46
CA ILE B 103 -6.87 22.31 2.00
C ILE B 103 -6.13 23.47 2.65
N ASN B 104 -6.20 24.65 2.06
CA ASN B 104 -5.64 25.86 2.66
C ASN B 104 -6.15 26.13 4.07
N SER B 105 -5.22 26.55 4.93
CA SER B 105 -5.51 26.89 6.31
C SER B 105 -6.17 28.26 6.32
N ASP B 106 -7.22 28.39 7.14
CA ASP B 106 -7.93 29.69 7.33
C ASP B 106 -6.99 30.77 7.91
N SER B 107 -6.09 30.36 8.81
CA SER B 107 -4.99 31.19 9.30
C SER B 107 -3.66 30.98 8.52
N GLN B 108 -2.76 30.16 9.06
CA GLN B 108 -1.38 29.92 8.55
C GLN B 108 -0.31 30.94 9.02
N GLY B 109 0.86 30.93 8.36
CA GLY B 109 2.04 31.67 8.80
C GLY B 109 2.25 33.05 8.20
N ARG B 110 3.34 33.20 7.45
CA ARG B 110 3.82 34.49 6.91
C ARG B 110 3.02 35.04 5.71
N ARG B 114 2.24 30.20 3.87
CA ARG B 114 0.93 29.59 4.16
C ARG B 114 0.92 28.03 4.26
N PHE B 115 0.05 27.56 5.15
CA PHE B 115 -0.01 26.17 5.60
C PHE B 115 -1.16 25.43 4.93
N LEU B 116 -1.20 24.13 5.15
CA LEU B 116 -2.32 23.31 4.76
C LEU B 116 -2.89 22.70 6.01
N THR B 117 -4.16 22.34 5.92
CA THR B 117 -4.82 21.51 6.91
C THR B 117 -5.46 20.25 6.25
N THR B 118 -5.61 19.15 6.99
CA THR B 118 -6.37 18.02 6.47
C THR B 118 -7.85 18.43 6.38
N TYR B 119 -8.59 17.86 5.42
CA TYR B 119 -10.00 18.21 5.16
C TYR B 119 -10.85 18.36 6.43
N ASP B 120 -10.51 17.56 7.45
CA ASP B 120 -11.25 17.52 8.69
C ASP B 120 -10.75 18.54 9.77
N ARG B 121 -9.80 19.41 9.36
CA ARG B 121 -9.09 20.41 10.20
C ARG B 121 -8.29 19.87 11.43
N ARG B 122 -8.21 18.55 11.60
CA ARG B 122 -7.41 17.90 12.65
C ARG B 122 -5.89 18.04 12.59
N PHE B 123 -5.29 18.06 11.39
CA PHE B 123 -3.82 18.13 11.23
C PHE B 123 -3.36 19.22 10.31
N VAL B 124 -2.21 19.78 10.65
CA VAL B 124 -1.56 20.86 9.90
C VAL B 124 -0.34 20.23 9.24
N ILE B 125 -0.13 20.59 7.97
CA ILE B 125 1.03 20.17 7.19
C ILE B 125 1.73 21.48 6.84
N LYS B 126 2.91 21.77 7.42
CA LYS B 126 3.67 22.97 6.99
C LYS B 126 4.75 22.55 6.02
N THR B 127 4.90 23.30 4.93
CA THR B 127 6.05 23.16 4.04
C THR B 127 7.24 23.76 4.75
N VAL B 128 8.33 23.01 4.79
CA VAL B 128 9.56 23.52 5.38
C VAL B 128 10.77 23.42 4.45
N SER B 129 11.91 23.84 4.97
CA SER B 129 13.15 23.83 4.20
C SER B 129 14.06 22.69 4.69
N SER B 130 15.06 22.35 3.86
CA SER B 130 16.16 21.42 4.23
C SER B 130 16.71 21.64 5.65
N GLU B 131 16.95 22.89 6.03
CA GLU B 131 17.50 23.21 7.35
C GLU B 131 16.57 22.76 8.49
N ASP B 132 15.26 23.00 8.32
CA ASP B 132 14.23 22.52 9.26
C ASP B 132 14.32 21.00 9.45
N VAL B 133 14.39 20.27 8.33
CA VAL B 133 14.56 18.82 8.32
C VAL B 133 15.78 18.42 9.16
N ALA B 134 16.91 19.08 8.92
CA ALA B 134 18.17 18.83 9.64
C ALA B 134 18.03 19.08 11.14
N GLU B 135 17.39 20.21 11.47
CA GLU B 135 17.19 20.63 12.87
C GLU B 135 16.31 19.66 13.64
N MET B 136 15.28 19.15 12.96
CA MET B 136 14.39 18.12 13.50
C MET B 136 15.18 16.84 13.75
N HIS B 137 16.05 16.47 12.81
CA HIS B 137 16.93 15.33 13.02
C HIS B 137 17.79 15.48 14.26
N ASN B 138 18.40 16.67 14.44
CA ASN B 138 19.07 16.98 15.71
C ASN B 138 18.20 16.78 16.96
N ILE B 139 17.01 17.37 17.00
CA ILE B 139 16.28 17.37 18.27
C ILE B 139 15.49 16.08 18.56
N LEU B 140 15.44 15.17 17.58
CA LEU B 140 14.44 14.09 17.56
C LEU B 140 14.45 13.05 18.72
N LYS B 141 15.60 12.41 18.97
CA LYS B 141 15.76 11.52 20.13
C LYS B 141 15.35 12.20 21.42
N LYS B 142 15.87 13.43 21.62
CA LYS B 142 15.60 14.24 22.82
C LYS B 142 14.12 14.59 22.96
N TYR B 143 13.53 14.99 21.84
CA TYR B 143 12.11 15.24 21.76
C TYR B 143 11.34 13.97 22.05
N HIS B 144 11.81 12.83 21.54
CA HIS B 144 11.10 11.58 21.81
C HIS B 144 11.15 11.19 23.29
N GLN B 145 12.35 11.15 23.87
CA GLN B 145 12.55 11.05 25.32
C GLN B 145 11.54 11.99 26.02
N PHE B 146 11.59 13.29 25.69
CA PHE B 146 10.63 14.24 26.26
C PHE B 146 9.16 13.81 26.17
N ILE B 147 8.72 13.37 25.00
CA ILE B 147 7.32 13.00 24.80
C ILE B 147 6.91 11.75 25.59
N VAL B 148 7.89 10.89 25.85
CA VAL B 148 7.65 9.72 26.71
C VAL B 148 7.38 10.20 28.15
N GLU B 149 8.28 11.03 28.69
CA GLU B 149 8.20 11.46 30.10
C GLU B 149 6.99 12.33 30.37
N CYS B 150 6.66 13.21 29.42
CA CYS B 150 5.51 14.10 29.55
C CYS B 150 4.22 13.49 29.02
N HIS B 151 4.25 12.19 28.64
CA HIS B 151 3.07 11.43 28.19
C HIS B 151 2.16 12.08 27.13
N GLY B 152 2.81 12.76 26.18
CA GLY B 152 2.11 13.49 25.11
C GLY B 152 1.37 14.72 25.58
N ASN B 153 1.61 15.12 26.82
CA ASN B 153 0.99 16.32 27.37
C ASN B 153 1.91 17.50 27.32
N THR B 154 1.92 18.15 26.17
CA THR B 154 2.83 19.28 25.93
C THR B 154 2.04 20.41 25.37
N LEU B 155 2.70 21.55 25.32
CA LEU B 155 2.26 22.69 24.58
C LEU B 155 3.17 22.86 23.39
N LEU B 156 4.14 21.97 23.25
CA LEU B 156 5.09 22.02 22.15
C LEU B 156 4.42 21.57 20.82
N PRO B 157 5.04 21.86 19.66
CA PRO B 157 4.42 21.21 18.50
C PRO B 157 4.49 19.70 18.67
N GLN B 158 3.37 19.06 18.46
CA GLN B 158 3.24 17.63 18.54
C GLN B 158 3.47 17.10 17.12
N PHE B 159 4.69 16.68 16.84
CA PHE B 159 5.08 16.20 15.51
C PHE B 159 4.55 14.80 15.13
N LEU B 160 3.97 14.66 13.93
CA LEU B 160 3.33 13.42 13.55
C LEU B 160 3.97 12.70 12.37
N GLY B 161 4.74 13.43 11.57
CA GLY B 161 5.41 12.83 10.45
C GLY B 161 6.07 13.90 9.63
N MET B 162 6.96 13.46 8.75
CA MET B 162 7.91 14.31 8.05
C MET B 162 8.32 13.63 6.76
N TYR B 163 8.20 14.38 5.67
CA TYR B 163 8.27 13.82 4.34
C TYR B 163 8.98 14.75 3.42
N ARG B 164 9.44 14.18 2.32
CA ARG B 164 9.94 14.91 1.18
C ARG B 164 9.34 14.27 -0.06
N LEU B 165 8.63 15.09 -0.81
CA LEU B 165 7.93 14.71 -1.99
C LEU B 165 8.78 15.30 -3.07
N THR B 166 9.00 14.55 -4.14
CA THR B 166 9.50 15.15 -5.36
C THR B 166 8.50 14.87 -6.48
N VAL B 167 8.00 15.95 -7.08
CA VAL B 167 6.99 15.89 -8.12
C VAL B 167 7.38 16.97 -9.09
N ASP B 168 7.39 16.62 -10.37
CA ASP B 168 7.65 17.54 -11.47
C ASP B 168 8.98 18.30 -11.28
N GLY B 169 9.99 17.62 -10.74
CA GLY B 169 11.35 18.17 -10.67
C GLY B 169 11.75 18.83 -9.36
N VAL B 170 10.77 18.97 -8.45
CA VAL B 170 10.86 19.87 -7.29
C VAL B 170 10.70 19.14 -5.95
N GLU B 171 11.70 19.31 -5.08
CA GLU B 171 11.64 18.77 -3.71
C GLU B 171 10.82 19.71 -2.82
N THR B 172 9.95 19.11 -2.01
CA THR B 172 9.13 19.79 -1.02
C THR B 172 9.22 19.00 0.27
N TYR B 173 9.67 19.67 1.34
CA TYR B 173 9.76 19.08 2.66
C TYR B 173 8.52 19.48 3.41
N MET B 174 7.98 18.54 4.18
CA MET B 174 6.76 18.79 4.92
C MET B 174 6.84 18.22 6.30
N VAL B 175 6.41 19.00 7.28
CA VAL B 175 6.14 18.44 8.62
C VAL B 175 4.63 18.45 8.88
N VAL B 176 4.13 17.42 9.57
CA VAL B 176 2.70 17.31 9.93
C VAL B 176 2.59 17.41 11.43
N THR B 177 1.69 18.27 11.91
CA THR B 177 1.49 18.43 13.35
C THR B 177 0.03 18.31 13.71
N ARG B 178 -0.25 18.11 15.00
CA ARG B 178 -1.61 18.27 15.50
C ARG B 178 -1.96 19.75 15.46
N ASN B 179 -3.11 20.07 14.87
CA ASN B 179 -3.60 21.43 14.80
C ASN B 179 -3.55 22.04 16.18
N VAL B 180 -3.04 23.27 16.31
CA VAL B 180 -3.05 23.93 17.63
C VAL B 180 -4.48 24.23 17.99
N PHE B 181 -5.24 24.70 17.01
CA PHE B 181 -6.63 25.11 17.20
C PHE B 181 -7.59 23.93 17.07
N SER B 182 -8.84 24.14 17.50
CA SER B 182 -9.91 23.16 17.32
C SER B 182 -10.17 22.87 15.86
N HIS B 183 -10.49 21.60 15.58
CA HIS B 183 -10.88 21.15 14.25
C HIS B 183 -12.33 21.49 13.88
N ARG B 184 -13.09 22.06 14.82
CA ARG B 184 -14.49 22.46 14.62
C ARG B 184 -14.82 23.92 15.03
N LEU B 185 -14.19 24.41 16.11
CA LEU B 185 -14.46 25.75 16.66
C LEU B 185 -13.68 26.88 15.99
N THR B 186 -14.40 27.85 15.43
CA THR B 186 -13.78 28.98 14.72
C THR B 186 -12.88 29.82 15.64
N VAL B 187 -11.77 30.31 15.09
CA VAL B 187 -10.86 31.17 15.84
C VAL B 187 -11.06 32.60 15.33
N HIS B 188 -11.45 33.49 16.23
CA HIS B 188 -11.82 34.88 15.88
C HIS B 188 -10.70 35.81 16.20
N ARG B 189 -9.86 35.44 17.17
CA ARG B 189 -8.75 36.30 17.59
C ARG B 189 -7.49 35.48 17.82
N LYS B 190 -6.46 35.80 17.05
CA LYS B 190 -5.13 35.20 17.11
C LYS B 190 -4.09 36.18 17.68
N TYR B 191 -3.28 35.72 18.62
CA TYR B 191 -2.14 36.49 19.11
C TYR B 191 -0.93 35.60 19.09
N ASP B 192 0.21 36.23 18.89
CA ASP B 192 1.49 35.58 18.70
C ASP B 192 2.43 36.37 19.59
N LEU B 193 2.93 35.73 20.64
CA LEU B 193 3.70 36.41 21.67
C LEU B 193 5.22 36.15 21.58
N LYS B 194 5.94 37.03 20.87
CA LYS B 194 7.32 36.77 20.40
C LYS B 194 8.51 37.06 21.37
N GLY B 195 9.59 37.67 20.85
CA GLY B 195 10.83 38.05 21.58
C GLY B 195 10.70 38.55 23.02
N SER B 196 10.14 39.76 23.21
CA SER B 196 9.84 40.29 24.56
C SER B 196 8.37 40.69 24.80
N ASP B 218 3.13 40.75 24.45
CA ASP B 218 3.05 41.71 23.36
C ASP B 218 1.67 42.42 23.26
N PHE B 219 0.57 41.64 23.28
CA PHE B 219 -0.81 42.19 23.20
C PHE B 219 -1.52 42.22 24.56
N LEU B 220 -0.75 42.47 25.63
CA LEU B 220 -1.22 42.54 27.04
C LEU B 220 -1.37 43.99 27.53
N GLN B 224 -7.10 43.54 29.01
CA GLN B 224 -7.74 42.21 29.10
C GLN B 224 -6.72 41.08 29.32
N LYS B 225 -6.93 40.30 30.40
CA LYS B 225 -6.22 39.04 30.71
C LYS B 225 -7.17 37.85 30.65
N LEU B 226 -6.63 36.65 30.39
CA LEU B 226 -7.45 35.45 30.17
C LEU B 226 -7.82 34.76 31.47
N HIS B 227 -9.13 34.52 31.67
CA HIS B 227 -9.61 33.82 32.88
C HIS B 227 -10.10 32.38 32.62
N VAL B 228 -9.38 31.41 33.22
CA VAL B 228 -9.64 29.96 33.05
C VAL B 228 -9.87 29.23 34.36
N GLY B 229 -10.48 28.04 34.24
CA GLY B 229 -10.79 27.15 35.38
C GLY B 229 -9.59 26.78 36.23
N GLU B 230 -9.83 26.44 37.50
CA GLU B 230 -8.77 26.06 38.45
C GLU B 230 -7.99 24.86 37.94
N GLU B 231 -8.75 23.85 37.49
CA GLU B 231 -8.25 22.62 36.85
C GLU B 231 -7.34 22.93 35.65
N SER B 232 -7.80 23.85 34.81
CA SER B 232 -7.14 24.25 33.56
C SER B 232 -5.87 25.06 33.75
N LYS B 233 -5.88 26.01 34.69
CA LYS B 233 -4.76 26.92 34.91
C LYS B 233 -3.62 26.20 35.61
N LYS B 234 -3.98 25.40 36.62
CA LYS B 234 -3.01 24.58 37.36
C LYS B 234 -2.26 23.66 36.40
N ASN B 235 -3.04 22.89 35.63
CA ASN B 235 -2.55 22.01 34.55
C ASN B 235 -1.62 22.69 33.51
N PHE B 236 -2.07 23.85 32.98
CA PHE B 236 -1.35 24.63 31.97
C PHE B 236 0.02 25.06 32.47
N LEU B 237 0.05 25.58 33.69
CA LEU B 237 1.28 26.09 34.27
C LEU B 237 2.30 24.97 34.49
N GLU B 238 1.80 23.80 34.92
CA GLU B 238 2.57 22.56 35.02
C GLU B 238 3.23 22.15 33.70
N LYS B 239 2.47 22.20 32.58
CA LYS B 239 3.01 21.88 31.25
C LYS B 239 4.11 22.85 30.83
N LEU B 240 3.78 24.14 30.80
CA LEU B 240 4.71 25.17 30.35
C LEU B 240 6.04 25.12 31.11
N LYS B 241 5.96 24.78 32.39
CA LYS B 241 7.11 24.66 33.29
C LYS B 241 8.17 23.71 32.71
N ARG B 242 7.76 22.46 32.48
CA ARG B 242 8.68 21.45 31.93
C ARG B 242 8.93 21.58 30.42
N ASP B 243 7.95 22.14 29.70
CA ASP B 243 8.09 22.37 28.25
C ASP B 243 9.17 23.40 27.95
N VAL B 244 9.19 24.47 28.74
CA VAL B 244 10.19 25.53 28.60
C VAL B 244 11.55 25.09 29.14
N GLU B 245 11.54 24.32 30.24
CA GLU B 245 12.72 23.62 30.75
C GLU B 245 13.40 22.81 29.64
N PHE B 246 12.60 22.00 28.94
CA PHE B 246 13.04 21.19 27.79
C PHE B 246 13.77 22.00 26.71
N LEU B 247 13.13 23.04 26.21
CA LEU B 247 13.68 23.85 25.14
C LEU B 247 14.98 24.49 25.55
N ALA B 248 15.02 24.95 26.80
CA ALA B 248 16.20 25.52 27.42
C ALA B 248 17.40 24.55 27.34
N GLN B 249 17.23 23.36 27.94
CA GLN B 249 18.31 22.36 28.02
C GLN B 249 18.87 22.02 26.63
N LEU B 250 17.99 22.02 25.61
CA LEU B 250 18.39 21.84 24.22
C LEU B 250 19.12 23.03 23.60
N LYS B 251 19.21 24.13 24.37
CA LYS B 251 19.71 25.47 23.93
C LYS B 251 18.84 26.07 22.81
N ILE B 252 17.52 25.91 22.91
CA ILE B 252 16.60 26.53 21.94
C ILE B 252 16.01 27.83 22.52
N MET B 253 16.17 28.94 21.81
CA MET B 253 15.49 30.18 22.16
C MET B 253 14.69 30.75 20.95
N ASP B 254 14.17 31.97 21.05
CA ASP B 254 13.47 32.68 19.93
C ASP B 254 12.19 31.99 19.36
N TYR B 255 11.55 31.18 20.20
CA TYR B 255 10.24 30.60 19.95
C TYR B 255 9.11 31.48 20.54
N SER B 256 7.89 31.37 20.01
CA SER B 256 6.76 32.17 20.52
C SER B 256 5.59 31.37 21.08
N LEU B 257 4.80 32.02 21.94
CA LEU B 257 3.54 31.46 22.40
C LEU B 257 2.36 31.98 21.56
N LEU B 258 1.73 31.03 20.85
CA LEU B 258 0.59 31.32 20.00
C LEU B 258 -0.69 31.23 20.80
N VAL B 259 -1.55 32.23 20.67
CA VAL B 259 -2.80 32.24 21.39
C VAL B 259 -4.01 32.38 20.47
N GLY B 260 -4.99 31.50 20.62
CA GLY B 260 -6.23 31.59 19.85
C GLY B 260 -7.43 31.76 20.77
N ILE B 261 -8.37 32.62 20.38
CA ILE B 261 -9.62 32.74 21.14
C ILE B 261 -10.86 32.47 20.27
N HIS B 262 -11.68 31.54 20.76
CA HIS B 262 -12.99 31.27 20.22
C HIS B 262 -14.00 32.04 21.04
N ASP B 263 -14.62 33.04 20.40
CA ASP B 263 -15.62 33.88 21.04
C ASP B 263 -16.99 33.21 20.81
N VAL B 264 -17.45 32.50 21.85
CA VAL B 264 -18.66 31.64 21.80
C VAL B 264 -19.95 32.35 21.38
N ASP B 265 -20.27 33.46 22.07
CA ASP B 265 -21.45 34.29 21.77
C ASP B 265 -21.39 34.80 20.33
N ARG B 266 -20.21 35.22 19.90
CA ARG B 266 -19.97 35.61 18.50
C ARG B 266 -20.18 34.43 17.55
N ALA B 267 -19.78 33.23 17.95
CA ALA B 267 -20.03 32.04 17.11
C ALA B 267 -21.53 31.80 16.97
N GLU B 268 -22.25 31.83 18.11
CA GLU B 268 -23.72 31.68 18.18
C GLU B 268 -24.49 32.72 17.34
N GLN B 269 -24.04 33.97 17.32
CA GLN B 269 -24.66 34.99 16.45
C GLN B 269 -24.22 34.78 14.98
N GLU B 270 -23.06 35.35 14.61
CA GLU B 270 -22.45 35.35 13.24
C GLU B 270 -22.67 34.12 12.36
N GLU B 271 -22.43 32.95 12.95
CA GLU B 271 -22.49 31.70 12.24
C GLU B 271 -23.49 30.80 12.95
N MET B 272 -24.74 31.26 12.98
CA MET B 272 -25.87 30.60 13.66
C MET B 272 -26.13 29.22 13.04
N GLU B 273 -26.95 29.18 12.00
CA GLU B 273 -27.37 27.90 11.43
C GLU B 273 -26.61 27.60 10.15
N VAL B 274 -25.29 27.56 10.33
CA VAL B 274 -24.30 27.27 9.27
C VAL B 274 -24.26 25.77 9.03
N GLU B 275 -24.29 24.99 10.12
CA GLU B 275 -24.24 23.52 10.09
C GLU B 275 -25.37 22.89 9.27
N GLU B 276 -26.61 23.15 9.67
CA GLU B 276 -27.77 22.57 8.98
C GLU B 276 -28.04 23.14 7.60
N ARG B 277 -27.62 24.37 7.34
CA ARG B 277 -27.72 24.92 5.97
C ARG B 277 -26.54 24.53 5.07
N PHE B 313 -21.53 18.04 21.35
CA PHE B 313 -20.85 19.29 21.68
C PHE B 313 -21.68 20.55 21.34
N GLY B 314 -21.87 21.40 22.35
CA GLY B 314 -22.69 22.61 22.24
C GLY B 314 -22.17 23.75 21.34
N PRO B 315 -22.34 25.02 21.79
CA PRO B 315 -22.00 26.22 21.00
C PRO B 315 -20.54 26.71 21.16
N GLY B 316 -19.93 26.26 22.26
CA GLY B 316 -18.52 26.43 22.55
C GLY B 316 -18.17 25.31 23.50
N GLU B 317 -18.32 24.08 23.01
CA GLU B 317 -17.97 22.90 23.78
C GLU B 317 -17.10 22.06 22.88
N PHE B 318 -16.06 21.47 23.47
CA PHE B 318 -15.00 20.82 22.71
C PHE B 318 -14.57 19.49 23.35
N ASP B 319 -14.10 18.56 22.51
CA ASP B 319 -13.58 17.27 22.94
C ASP B 319 -12.12 17.41 23.38
N PRO B 320 -11.81 17.22 24.69
CA PRO B 320 -10.44 17.45 25.23
C PRO B 320 -9.36 16.53 24.70
N SER B 321 -9.79 15.37 24.19
CA SER B 321 -8.86 14.39 23.64
C SER B 321 -8.50 14.70 22.19
N VAL B 322 -9.37 15.46 21.54
CA VAL B 322 -9.15 15.94 20.17
C VAL B 322 -8.43 17.32 20.18
N ASP B 323 -8.98 18.31 20.89
CA ASP B 323 -8.41 19.65 21.01
C ASP B 323 -7.59 19.80 22.30
N VAL B 324 -6.30 19.46 22.22
CA VAL B 324 -5.46 19.26 23.41
C VAL B 324 -4.89 20.56 23.98
N TYR B 325 -4.98 21.63 23.20
CA TYR B 325 -4.50 22.95 23.63
C TYR B 325 -5.64 23.82 24.15
N ALA B 326 -6.87 23.36 23.94
CA ALA B 326 -8.06 24.11 24.26
C ALA B 326 -8.27 24.24 25.77
N MET B 327 -8.75 25.42 26.20
CA MET B 327 -9.17 25.73 27.60
C MET B 327 -10.48 26.52 27.59
N LYS B 328 -11.36 26.22 28.53
CA LYS B 328 -12.58 26.97 28.75
C LYS B 328 -12.32 28.20 29.61
N SER B 329 -12.97 29.30 29.29
CA SER B 329 -13.05 30.46 30.18
C SER B 329 -13.79 30.09 31.47
N HIS B 330 -13.37 30.73 32.58
CA HIS B 330 -13.87 30.51 33.96
C HIS B 330 -15.40 30.52 34.12
N GLU B 331 -15.88 29.70 35.06
CA GLU B 331 -17.30 29.67 35.41
C GLU B 331 -17.83 31.07 35.75
N SER B 332 -17.09 31.78 36.60
CA SER B 332 -17.33 33.20 36.89
C SER B 332 -16.36 34.07 36.06
N SER B 333 -16.81 34.46 34.86
CA SER B 333 -15.98 35.11 33.85
C SER B 333 -16.79 36.17 33.10
N PRO B 334 -16.10 37.21 32.54
CA PRO B 334 -16.72 38.18 31.60
C PRO B 334 -17.74 37.54 30.61
N LYS B 335 -17.24 36.86 29.58
CA LYS B 335 -18.06 36.20 28.57
C LYS B 335 -17.60 34.76 28.30
N LYS B 336 -18.45 33.99 27.61
CA LYS B 336 -18.18 32.61 27.20
C LYS B 336 -17.07 32.53 26.12
N GLU B 337 -15.98 31.83 26.44
CA GLU B 337 -14.80 31.75 25.57
C GLU B 337 -14.03 30.42 25.63
N VAL B 338 -13.48 29.99 24.48
CA VAL B 338 -12.46 28.90 24.43
C VAL B 338 -11.06 29.43 24.04
N TYR B 339 -10.04 29.11 24.84
CA TYR B 339 -8.64 29.52 24.52
C TYR B 339 -7.81 28.38 24.00
N PHE B 340 -6.99 28.65 22.99
CA PHE B 340 -6.02 27.67 22.50
C PHE B 340 -4.64 28.28 22.61
N MET B 341 -3.79 27.70 23.45
CA MET B 341 -2.42 28.20 23.54
C MET B 341 -1.37 27.10 23.44
N ALA B 342 -0.29 27.45 22.74
CA ALA B 342 0.76 26.52 22.33
C ALA B 342 2.06 27.27 22.14
N ILE B 343 3.17 26.58 22.37
CA ILE B 343 4.47 27.08 22.00
C ILE B 343 4.76 26.68 20.57
N ILE B 344 5.24 27.62 19.77
CA ILE B 344 5.49 27.43 18.35
C ILE B 344 6.89 27.99 17.94
N ASP B 345 7.42 27.62 16.77
CA ASP B 345 8.75 28.05 16.30
C ASP B 345 9.92 27.37 17.01
N ILE B 346 9.72 26.11 17.38
CA ILE B 346 10.67 25.24 18.07
C ILE B 346 11.94 24.86 17.22
N LEU B 347 11.98 25.18 15.93
CA LEU B 347 13.05 24.64 15.08
C LEU B 347 14.14 25.63 14.66
N THR B 348 13.76 26.61 13.83
CA THR B 348 14.72 27.57 13.26
C THR B 348 15.02 28.76 14.19
N THR B 373 22.03 38.56 21.91
CA THR B 373 21.83 37.22 22.43
C THR B 373 21.78 37.19 23.98
N VAL B 374 20.57 36.95 24.49
CA VAL B 374 20.34 36.44 25.86
C VAL B 374 20.67 34.93 25.80
N ASN B 375 20.80 34.28 26.96
CA ASN B 375 20.97 32.81 26.99
C ASN B 375 19.59 32.11 26.99
N PRO B 376 19.48 30.89 26.40
CA PRO B 376 18.25 30.09 26.49
C PRO B 376 17.67 29.78 27.88
N GLU B 377 18.49 29.61 28.91
CA GLU B 377 17.92 29.44 30.25
C GLU B 377 17.28 30.75 30.77
N GLN B 378 17.81 31.89 30.30
CA GLN B 378 17.22 33.22 30.59
C GLN B 378 15.88 33.42 29.86
N TYR B 379 15.89 33.17 28.55
CA TYR B 379 14.69 33.12 27.69
C TYR B 379 13.64 32.15 28.24
N SER B 380 14.08 30.94 28.57
CA SER B 380 13.31 29.98 29.37
C SER B 380 12.62 30.67 30.56
N LYS B 381 13.41 31.24 31.49
CA LYS B 381 12.91 31.92 32.71
C LYS B 381 11.95 33.09 32.42
N ARG B 382 12.40 34.05 31.60
CA ARG B 382 11.54 35.18 31.13
C ARG B 382 10.16 34.70 30.68
N PHE B 383 10.17 33.66 29.84
CA PHE B 383 8.99 33.03 29.26
C PHE B 383 8.04 32.43 30.28
N ASN B 384 8.54 31.56 31.14
CA ASN B 384 7.70 30.92 32.17
C ASN B 384 6.95 32.02 32.94
N GLU B 385 7.72 33.04 33.36
CA GLU B 385 7.23 34.21 34.09
C GLU B 385 6.26 35.02 33.25
N PHE B 386 6.67 35.35 32.02
CA PHE B 386 5.89 36.15 31.09
C PHE B 386 4.50 35.54 30.88
N MET B 387 4.47 34.30 30.43
CA MET B 387 3.23 33.68 29.95
C MET B 387 2.32 33.12 31.04
N SER B 388 2.83 33.06 32.28
CA SER B 388 1.99 32.71 33.44
C SER B 388 1.03 33.84 33.84
N ASN B 389 1.49 35.08 33.67
CA ASN B 389 0.77 36.30 34.10
C ASN B 389 -0.37 36.82 33.19
N ILE B 390 -0.57 36.11 32.08
CA ILE B 390 -1.76 36.27 31.25
C ILE B 390 -2.97 35.58 31.92
N LEU B 391 -2.71 34.76 32.93
CA LEU B 391 -3.74 33.97 33.57
C LEU B 391 -3.91 34.31 35.04
#